data_2FYB
#
_entry.id   2FYB
#
_cell.length_a   70.560
_cell.length_b   137.730
_cell.length_c   66.430
_cell.angle_alpha   90.00
_cell.angle_beta   90.00
_cell.angle_gamma   90.00
#
_symmetry.space_group_name_H-M   'C 2 2 21'
#
loop_
_entity.id
_entity.type
_entity.pdbx_description
1 polymer 'Beta-1,4-galactosyltransferase 1'
2 non-polymer 'MANGANESE (II) ION'
3 non-polymer "URIDINE-5'-DIPHOSPHATE"
4 water water
#
_entity_poly.entity_id   1
_entity_poly.type   'polypeptide(L)'
_entity_poly.pdbx_seq_one_letter_code
;ASMTGGQQMGRGSASLPACPEESPLLVGPMLIEFNMPVDLELVAKQNPNVKMGGRYAPRDCVSPHKVAIIIPFRNRQEHL
KYWLYYLHPVLQRQQLDYGIYVINQAGDTIFNRAKLLNVGFQEALKDYDYTCFVFSDVDLIPMNDHNAYRCFSQPRHISV
AMDKFGFSLPYVQYFGGVSALSKQQFLTINGFPNNYWGWGGEDDDIFNRLVFRGMSISRPNAVVGTTRHIRHSRDKKNEP
NPQRFDRIAHTKETMLSDGLNSLTYQVLDVQRYPLYTQITVDIGTPS
;
_entity_poly.pdbx_strand_id   A
#
# COMPACT_ATOMS: atom_id res chain seq x y z
N GLY A 10 3.61 26.49 35.53
CA GLY A 10 3.59 25.17 34.83
C GLY A 10 4.44 25.18 33.57
N ARG A 11 5.42 26.08 33.55
CA ARG A 11 6.33 26.21 32.39
C ARG A 11 7.45 25.17 32.43
N GLY A 12 8.09 24.99 31.26
CA GLY A 12 9.19 24.03 31.15
C GLY A 12 9.22 23.51 29.72
N SER A 13 10.37 23.02 29.29
CA SER A 13 10.52 22.48 27.95
C SER A 13 9.68 21.19 27.89
N ALA A 14 8.94 21.01 26.80
CA ALA A 14 8.10 19.84 26.66
C ALA A 14 8.07 19.31 25.22
N SER A 15 7.88 18.00 25.09
CA SER A 15 7.81 17.36 23.78
C SER A 15 6.40 17.52 23.18
N LEU A 16 6.33 17.37 21.87
CA LEU A 16 5.06 17.40 21.17
C LEU A 16 4.30 16.14 21.65
N PRO A 17 2.97 16.22 21.72
CA PRO A 17 2.14 15.08 22.15
C PRO A 17 2.01 14.09 21.02
N ALA A 18 1.66 12.85 21.36
CA ALA A 18 1.40 11.86 20.32
C ALA A 18 0.12 12.35 19.63
N CYS A 19 -0.06 12.00 18.36
CA CYS A 19 -1.31 12.33 17.68
C CYS A 19 -2.37 11.42 18.34
N PRO A 20 -3.65 11.83 18.35
CA PRO A 20 -4.76 11.07 18.94
C PRO A 20 -5.02 9.72 18.25
N GLU A 21 -5.67 8.83 18.99
CA GLU A 21 -5.96 7.48 18.53
C GLU A 21 -6.60 7.52 17.16
N GLU A 22 -7.54 8.45 16.98
CA GLU A 22 -8.17 8.68 15.69
C GLU A 22 -8.06 10.17 15.44
N SER A 23 -7.74 10.56 14.22
CA SER A 23 -7.62 11.97 13.87
C SER A 23 -8.96 12.72 13.93
N PRO A 24 -8.97 13.93 14.51
CA PRO A 24 -10.19 14.74 14.61
C PRO A 24 -10.46 15.46 13.29
N LEU A 25 -9.54 15.32 12.34
CA LEU A 25 -9.67 15.99 11.05
C LEU A 25 -10.47 15.21 9.99
N LEU A 26 -10.89 13.99 10.29
CA LEU A 26 -11.57 13.16 9.29
C LEU A 26 -12.94 13.69 8.82
N VAL A 27 -13.27 13.56 7.54
CA VAL A 27 -14.59 14.07 7.09
C VAL A 27 -15.56 12.95 6.79
N GLY A 28 -15.06 11.72 6.71
CA GLY A 28 -15.96 10.60 6.41
C GLY A 28 -16.13 10.31 4.93
N PRO A 29 -17.36 10.25 4.41
CA PRO A 29 -17.59 9.96 2.99
C PRO A 29 -16.99 10.97 2.05
N MET A 30 -16.52 10.48 0.92
CA MET A 30 -15.87 11.30 -0.11
C MET A 30 -16.41 10.84 -1.45
N LEU A 31 -16.65 11.79 -2.32
CA LEU A 31 -17.17 11.51 -3.65
C LEU A 31 -15.96 11.25 -4.52
N ILE A 32 -15.87 10.04 -5.08
CA ILE A 32 -14.74 9.68 -5.89
C ILE A 32 -15.10 9.58 -7.38
N GLU A 33 -14.50 10.44 -8.20
CA GLU A 33 -14.74 10.37 -9.63
C GLU A 33 -13.44 10.39 -10.44
N PHE A 34 -13.49 9.74 -11.59
CA PHE A 34 -12.34 9.58 -12.49
C PHE A 34 -12.66 10.10 -13.88
N ASN A 35 -13.34 11.23 -13.95
CA ASN A 35 -13.74 11.75 -15.25
C ASN A 35 -13.20 13.13 -15.53
N MET A 36 -12.21 13.57 -14.78
CA MET A 36 -11.64 14.88 -15.03
C MET A 36 -10.14 14.80 -15.09
N PRO A 37 -9.50 15.80 -15.71
CA PRO A 37 -8.04 15.71 -15.77
C PRO A 37 -7.41 16.12 -14.44
N VAL A 38 -6.22 15.59 -14.19
CA VAL A 38 -5.50 15.93 -12.98
C VAL A 38 -4.15 16.51 -13.41
N ASP A 39 -3.79 17.60 -12.73
CA ASP A 39 -2.53 18.33 -12.95
C ASP A 39 -1.72 18.23 -11.65
N LEU A 40 -0.64 17.46 -11.68
CA LEU A 40 0.17 17.28 -10.48
C LEU A 40 0.79 18.55 -9.91
N GLU A 41 1.07 19.56 -10.74
CA GLU A 41 1.64 20.79 -10.17
C GLU A 41 0.58 21.46 -9.29
N LEU A 42 -0.68 21.41 -9.72
CA LEU A 42 -1.77 22.01 -8.94
C LEU A 42 -1.97 21.18 -7.66
N VAL A 43 -1.90 19.87 -7.80
CA VAL A 43 -2.06 18.98 -6.65
C VAL A 43 -0.97 19.33 -5.62
N ALA A 44 0.27 19.49 -6.07
CA ALA A 44 1.36 19.85 -5.15
C ALA A 44 1.05 21.19 -4.49
N LYS A 45 0.59 22.16 -5.28
CA LYS A 45 0.24 23.47 -4.73
C LYS A 45 -0.88 23.39 -3.68
N GLN A 46 -1.84 22.50 -3.89
CA GLN A 46 -2.95 22.33 -2.96
C GLN A 46 -2.53 21.52 -1.74
N ASN A 47 -1.38 20.87 -1.85
CA ASN A 47 -0.88 20.04 -0.75
C ASN A 47 0.54 20.53 -0.46
N PRO A 48 0.66 21.81 -0.12
CA PRO A 48 1.94 22.42 0.15
C PRO A 48 2.78 21.80 1.25
N ASN A 49 2.17 21.11 2.21
CA ASN A 49 2.95 20.53 3.28
C ASN A 49 3.59 19.19 2.93
N VAL A 50 3.27 18.65 1.77
CA VAL A 50 3.88 17.40 1.37
C VAL A 50 5.24 17.77 0.77
N LYS A 51 6.30 17.18 1.31
CA LYS A 51 7.66 17.45 0.88
C LYS A 51 8.13 16.55 -0.26
N MET A 52 9.24 16.96 -0.88
CA MET A 52 9.82 16.23 -2.00
C MET A 52 9.82 14.72 -1.76
N GLY A 53 9.39 13.99 -2.79
CA GLY A 53 9.31 12.53 -2.71
C GLY A 53 7.99 12.05 -2.14
N GLY A 54 7.05 12.97 -1.88
CA GLY A 54 5.77 12.55 -1.33
C GLY A 54 5.85 12.21 0.16
N ARG A 55 6.59 13.01 0.94
CA ARG A 55 6.78 12.81 2.37
C ARG A 55 6.00 13.83 3.20
N TYR A 56 5.34 13.35 4.25
CA TYR A 56 4.58 14.22 5.13
C TYR A 56 4.50 13.63 6.56
N ALA A 57 4.47 14.51 7.54
CA ALA A 57 4.26 14.11 8.94
C ALA A 57 3.61 15.33 9.58
N PRO A 58 2.72 15.11 10.55
CA PRO A 58 2.07 16.24 11.20
C PRO A 58 3.06 17.18 11.84
N ARG A 59 2.66 18.43 11.94
CA ARG A 59 3.46 19.49 12.53
C ARG A 59 3.24 19.59 14.03
N ASP A 60 2.02 19.33 14.47
CA ASP A 60 1.69 19.53 15.88
C ASP A 60 1.62 18.29 16.80
N CYS A 61 1.88 17.11 16.26
CA CYS A 61 1.85 15.93 17.12
C CYS A 61 2.75 14.94 16.41
N VAL A 62 3.09 13.89 17.13
CA VAL A 62 3.97 12.83 16.61
C VAL A 62 3.13 11.59 16.39
N SER A 63 3.12 11.10 15.17
CA SER A 63 2.33 9.92 14.85
C SER A 63 3.13 8.65 15.11
N PRO A 64 2.51 7.65 15.70
CA PRO A 64 3.23 6.40 15.94
C PRO A 64 3.19 5.63 14.60
N HIS A 65 2.45 6.16 13.60
CA HIS A 65 2.33 5.51 12.29
C HIS A 65 3.35 6.05 11.26
N LYS A 66 4.45 5.32 11.11
CA LYS A 66 5.54 5.63 10.19
C LYS A 66 5.28 4.66 9.03
N VAL A 67 4.58 5.19 8.04
CA VAL A 67 4.09 4.40 6.92
C VAL A 67 4.69 4.58 5.53
N ALA A 68 5.17 3.49 4.94
CA ALA A 68 5.64 3.61 3.55
C ALA A 68 4.48 3.01 2.75
N ILE A 69 3.94 3.80 1.84
CA ILE A 69 2.87 3.36 0.96
C ILE A 69 3.56 2.97 -0.37
N ILE A 70 3.41 1.69 -0.67
CA ILE A 70 4.07 1.04 -1.80
C ILE A 70 3.10 0.70 -2.92
N ILE A 71 3.32 1.28 -4.10
CA ILE A 71 2.44 1.03 -5.22
C ILE A 71 3.17 0.28 -6.37
N PRO A 72 2.73 -0.93 -6.71
CA PRO A 72 3.32 -1.74 -7.80
C PRO A 72 2.86 -1.03 -9.09
N PHE A 73 3.78 -0.87 -10.05
CA PHE A 73 3.48 -0.03 -11.19
C PHE A 73 4.20 -0.29 -12.51
N ARG A 74 3.47 -0.06 -13.57
CA ARG A 74 4.01 -0.06 -14.91
C ARG A 74 2.97 0.51 -15.84
N ASN A 75 3.30 1.67 -16.41
CA ASN A 75 2.44 2.32 -17.39
C ASN A 75 1.00 2.58 -16.92
N ARG A 76 0.87 3.20 -15.75
CA ARG A 76 -0.45 3.55 -15.22
C ARG A 76 -0.37 4.96 -14.75
N GLN A 77 0.25 5.83 -15.56
CA GLN A 77 0.42 7.20 -15.11
C GLN A 77 -0.89 7.94 -14.84
N GLU A 78 -1.89 7.74 -15.69
CA GLU A 78 -3.16 8.43 -15.47
C GLU A 78 -3.84 7.98 -14.17
N HIS A 79 -3.78 6.68 -13.86
CA HIS A 79 -4.35 6.19 -12.61
C HIS A 79 -3.55 6.79 -11.44
N LEU A 80 -2.23 6.85 -11.57
CA LEU A 80 -1.41 7.36 -10.47
C LEU A 80 -1.77 8.79 -10.17
N LYS A 81 -2.05 9.56 -11.21
CA LYS A 81 -2.42 10.93 -10.99
C LYS A 81 -3.71 10.97 -10.19
N TYR A 82 -4.65 10.06 -10.45
CA TYR A 82 -5.91 10.04 -9.65
C TYR A 82 -5.59 9.62 -8.21
N TRP A 83 -4.76 8.59 -8.07
CA TRP A 83 -4.38 8.10 -6.75
C TRP A 83 -3.77 9.23 -5.91
N LEU A 84 -2.81 9.95 -6.47
CA LEU A 84 -2.17 11.04 -5.73
C LEU A 84 -3.12 12.19 -5.36
N TYR A 85 -3.97 12.54 -6.33
CA TYR A 85 -4.96 13.61 -6.15
C TYR A 85 -5.89 13.27 -4.98
N TYR A 86 -6.35 12.01 -4.92
CA TYR A 86 -7.26 11.61 -3.83
C TYR A 86 -6.60 11.24 -2.51
N LEU A 87 -5.52 10.47 -2.56
CA LEU A 87 -4.90 10.05 -1.33
C LEU A 87 -4.10 11.05 -0.52
N HIS A 88 -3.35 11.96 -1.16
CA HIS A 88 -2.59 12.87 -0.33
C HIS A 88 -3.43 13.63 0.69
N PRO A 89 -4.58 14.18 0.29
CA PRO A 89 -5.35 14.89 1.31
C PRO A 89 -5.80 13.95 2.44
N VAL A 90 -6.21 12.74 2.06
CA VAL A 90 -6.68 11.77 3.02
C VAL A 90 -5.57 11.38 4.01
N LEU A 91 -4.41 11.06 3.47
CA LEU A 91 -3.30 10.64 4.32
C LEU A 91 -2.89 11.72 5.29
N GLN A 92 -2.90 12.98 4.86
CA GLN A 92 -2.59 14.05 5.81
C GLN A 92 -3.70 14.19 6.86
N ARG A 93 -4.97 14.04 6.47
CA ARG A 93 -6.03 14.13 7.47
C ARG A 93 -5.92 13.00 8.51
N GLN A 94 -5.36 11.86 8.10
CA GLN A 94 -5.16 10.74 9.02
C GLN A 94 -3.93 10.93 9.90
N GLN A 95 -3.24 12.06 9.73
CA GLN A 95 -2.10 12.38 10.58
C GLN A 95 -0.98 11.33 10.58
N LEU A 96 -0.69 10.75 9.42
CA LEU A 96 0.35 9.74 9.32
C LEU A 96 1.71 10.38 9.04
N ASP A 97 2.80 9.69 9.39
CA ASP A 97 4.16 10.15 9.08
C ASP A 97 4.42 9.21 7.89
N TYR A 98 4.18 9.68 6.67
CA TYR A 98 4.22 8.81 5.51
C TYR A 98 5.06 9.21 4.32
N GLY A 99 5.27 8.23 3.44
CA GLY A 99 6.02 8.47 2.22
C GLY A 99 5.40 7.60 1.14
N ILE A 100 5.39 8.11 -0.09
CA ILE A 100 4.81 7.39 -1.23
C ILE A 100 5.91 6.82 -2.13
N TYR A 101 5.82 5.53 -2.40
CA TYR A 101 6.76 4.83 -3.27
C TYR A 101 6.09 4.11 -4.42
N VAL A 102 6.43 4.53 -5.64
CA VAL A 102 5.90 3.89 -6.84
C VAL A 102 7.04 2.98 -7.35
N ILE A 103 6.81 1.67 -7.33
CA ILE A 103 7.82 0.71 -7.76
C ILE A 103 7.49 0.33 -9.21
N ASN A 104 8.24 0.95 -10.11
CA ASN A 104 8.03 0.83 -11.55
C ASN A 104 8.83 -0.31 -12.16
N GLN A 105 8.12 -1.30 -12.73
CA GLN A 105 8.81 -2.43 -13.35
C GLN A 105 9.39 -2.05 -14.71
N ALA A 106 10.71 -2.05 -14.81
CA ALA A 106 11.41 -1.72 -16.06
C ALA A 106 11.16 -2.85 -17.04
N GLY A 107 11.22 -2.54 -18.34
CA GLY A 107 11.01 -3.58 -19.34
C GLY A 107 9.58 -3.80 -19.78
N ASP A 108 9.38 -4.81 -20.63
CA ASP A 108 8.06 -5.13 -21.19
C ASP A 108 7.64 -6.55 -20.88
N THR A 109 8.43 -7.28 -20.09
CA THR A 109 8.11 -8.66 -19.82
C THR A 109 7.02 -8.80 -18.76
N ILE A 110 6.57 -10.01 -18.52
CA ILE A 110 5.48 -10.24 -17.60
C ILE A 110 5.56 -9.46 -16.26
N PHE A 111 4.46 -8.77 -15.95
CA PHE A 111 4.34 -7.99 -14.70
C PHE A 111 4.37 -8.91 -13.48
N ASN A 112 5.01 -8.47 -12.41
CA ASN A 112 5.11 -9.28 -11.18
C ASN A 112 4.81 -8.39 -9.98
N ARG A 113 3.54 -8.24 -9.69
CA ARG A 113 3.05 -7.40 -8.60
C ARG A 113 3.70 -7.67 -7.25
N ALA A 114 3.67 -8.90 -6.80
CA ALA A 114 4.23 -9.24 -5.47
C ALA A 114 5.72 -8.96 -5.35
N LYS A 115 6.48 -9.22 -6.41
CA LYS A 115 7.89 -8.96 -6.32
C LYS A 115 8.17 -7.46 -6.21
N LEU A 116 7.39 -6.63 -6.91
CA LEU A 116 7.61 -5.19 -6.82
C LEU A 116 7.27 -4.72 -5.42
N LEU A 117 6.25 -5.32 -4.79
CA LEU A 117 5.92 -4.94 -3.41
C LEU A 117 7.10 -5.22 -2.48
N ASN A 118 7.77 -6.37 -2.63
CA ASN A 118 8.93 -6.67 -1.81
C ASN A 118 10.02 -5.63 -2.02
N VAL A 119 10.22 -5.27 -3.29
CA VAL A 119 11.23 -4.28 -3.63
C VAL A 119 10.88 -2.99 -2.87
N GLY A 120 9.60 -2.63 -2.87
CA GLY A 120 9.17 -1.43 -2.18
C GLY A 120 9.53 -1.44 -0.70
N PHE A 121 9.29 -2.57 -0.04
CA PHE A 121 9.56 -2.70 1.40
C PHE A 121 11.04 -2.45 1.64
N GLN A 122 11.86 -3.15 0.88
CA GLN A 122 13.30 -3.05 1.07
C GLN A 122 13.88 -1.68 0.73
N GLU A 123 13.39 -1.06 -0.34
CA GLU A 123 13.90 0.25 -0.71
C GLU A 123 13.37 1.37 0.18
N ALA A 124 12.11 1.30 0.60
CA ALA A 124 11.59 2.39 1.44
C ALA A 124 12.39 2.39 2.76
N LEU A 125 12.79 1.21 3.22
CA LEU A 125 13.57 1.13 4.46
C LEU A 125 14.96 1.79 4.35
N LYS A 126 15.45 1.95 3.13
CA LYS A 126 16.76 2.60 2.93
C LYS A 126 16.60 4.07 3.16
N ASP A 127 15.39 4.57 2.89
CA ASP A 127 15.10 5.99 3.07
C ASP A 127 14.86 6.42 4.50
N TYR A 128 14.12 5.60 5.22
CA TYR A 128 13.67 6.01 6.56
C TYR A 128 13.25 4.77 7.36
N ASP A 129 13.23 4.91 8.69
CA ASP A 129 12.87 3.79 9.54
C ASP A 129 11.36 3.57 9.62
N TYR A 130 10.73 3.27 8.49
CA TYR A 130 9.32 2.99 8.49
C TYR A 130 9.00 1.75 9.32
N THR A 131 7.84 1.75 9.95
CA THR A 131 7.49 0.58 10.74
C THR A 131 6.15 -0.04 10.32
N CYS A 132 5.57 0.50 9.25
CA CYS A 132 4.29 0.03 8.72
C CYS A 132 4.35 0.17 7.22
N PHE A 133 3.80 -0.81 6.52
CA PHE A 133 3.83 -0.83 5.07
C PHE A 133 2.45 -1.07 4.47
N VAL A 134 1.98 -0.09 3.69
CA VAL A 134 0.71 -0.23 3.03
C VAL A 134 1.02 -0.59 1.58
N PHE A 135 0.46 -1.70 1.12
CA PHE A 135 0.67 -2.13 -0.25
C PHE A 135 -0.64 -1.82 -0.98
N SER A 136 -0.57 -0.92 -1.93
CA SER A 136 -1.80 -0.52 -2.63
C SER A 136 -1.74 -0.52 -4.14
N ASP A 137 -2.69 -1.21 -4.76
CA ASP A 137 -2.77 -1.12 -6.21
C ASP A 137 -2.99 0.37 -6.53
N VAL A 138 -2.55 0.79 -7.71
CA VAL A 138 -2.63 2.19 -8.10
C VAL A 138 -4.03 2.64 -8.49
N ASP A 139 -4.92 1.68 -8.71
CA ASP A 139 -6.29 1.98 -9.17
C ASP A 139 -7.41 1.83 -8.16
N LEU A 140 -7.06 1.84 -6.88
CA LEU A 140 -8.03 1.74 -5.79
C LEU A 140 -7.96 3.00 -4.92
N ILE A 141 -9.13 3.60 -4.72
CA ILE A 141 -9.28 4.84 -3.99
C ILE A 141 -10.30 4.61 -2.87
N PRO A 142 -9.96 4.95 -1.62
CA PRO A 142 -10.92 4.75 -0.53
C PRO A 142 -12.07 5.76 -0.63
N MET A 143 -13.27 5.35 -0.24
CA MET A 143 -14.41 6.27 -0.30
C MET A 143 -14.72 6.91 1.06
N ASN A 144 -13.99 6.53 2.10
CA ASN A 144 -14.29 7.07 3.41
C ASN A 144 -12.98 7.22 4.13
N ASP A 145 -12.67 8.41 4.62
CA ASP A 145 -11.40 8.58 5.30
C ASP A 145 -11.28 7.99 6.72
N HIS A 146 -12.30 7.28 7.17
CA HIS A 146 -12.19 6.58 8.45
C HIS A 146 -11.47 5.24 8.19
N ASN A 147 -11.23 4.90 6.93
CA ASN A 147 -10.52 3.66 6.56
C ASN A 147 -9.03 4.01 6.67
N ALA A 148 -8.47 3.67 7.83
CA ALA A 148 -7.10 4.02 8.18
C ALA A 148 -6.03 3.33 7.34
N TYR A 149 -5.15 4.12 6.72
CA TYR A 149 -4.07 3.57 5.93
C TYR A 149 -2.81 3.33 6.79
N ARG A 150 -2.96 2.50 7.82
CA ARG A 150 -1.83 2.17 8.68
C ARG A 150 -2.01 0.78 9.29
N CYS A 151 -1.11 0.43 10.19
CA CYS A 151 -1.08 -0.92 10.72
C CYS A 151 -1.75 -1.15 12.05
N PHE A 152 -2.17 -2.40 12.25
CA PHE A 152 -2.88 -2.79 13.48
C PHE A 152 -2.24 -4.03 14.14
N SER A 153 -2.88 -4.54 15.18
CA SER A 153 -2.35 -5.70 15.92
C SER A 153 -2.26 -6.97 15.08
N GLN A 154 -3.00 -7.00 13.98
CA GLN A 154 -2.96 -8.11 13.05
C GLN A 154 -2.88 -7.49 11.64
N PRO A 155 -2.40 -8.26 10.65
CA PRO A 155 -2.29 -7.80 9.26
C PRO A 155 -3.66 -7.20 8.88
N ARG A 156 -3.59 -6.05 8.21
CA ARG A 156 -4.78 -5.30 7.89
C ARG A 156 -5.21 -5.37 6.45
N HIS A 157 -6.45 -5.74 6.19
CA HIS A 157 -6.98 -5.75 4.81
C HIS A 157 -7.76 -4.45 4.74
N ILE A 158 -7.34 -3.54 3.86
CA ILE A 158 -7.96 -2.21 3.75
C ILE A 158 -9.11 -2.04 2.75
N SER A 159 -8.94 -2.61 1.57
CA SER A 159 -9.97 -2.46 0.52
C SER A 159 -10.95 -3.63 0.71
N VAL A 160 -11.81 -3.52 1.72
CA VAL A 160 -12.70 -4.63 2.04
C VAL A 160 -14.03 -4.74 1.29
N ALA A 161 -14.48 -3.64 0.72
CA ALA A 161 -15.76 -3.65 -0.01
C ALA A 161 -15.56 -2.83 -1.28
N MET A 162 -15.08 -3.50 -2.32
CA MET A 162 -14.76 -2.83 -3.57
C MET A 162 -15.98 -2.73 -4.49
N ASP A 163 -16.14 -1.59 -5.14
CA ASP A 163 -17.29 -1.44 -6.04
C ASP A 163 -17.28 -2.49 -7.14
N LYS A 164 -16.10 -2.85 -7.62
CA LYS A 164 -15.98 -3.85 -8.68
C LYS A 164 -16.51 -5.22 -8.26
N PHE A 165 -16.54 -5.48 -6.95
CA PHE A 165 -17.06 -6.75 -6.46
C PHE A 165 -18.39 -6.58 -5.74
N GLY A 166 -19.13 -5.53 -6.09
CA GLY A 166 -20.44 -5.28 -5.48
C GLY A 166 -20.38 -4.85 -4.03
N PHE A 167 -19.24 -4.27 -3.64
CA PHE A 167 -19.06 -3.81 -2.28
C PHE A 167 -19.12 -4.95 -1.28
N SER A 168 -18.72 -6.13 -1.70
CA SER A 168 -18.72 -7.27 -0.81
C SER A 168 -17.37 -7.98 -0.93
N LEU A 169 -16.92 -8.57 0.16
CA LEU A 169 -15.67 -9.31 0.19
C LEU A 169 -15.91 -10.57 -0.65
N PRO A 170 -15.06 -10.82 -1.67
CA PRO A 170 -15.13 -11.97 -2.59
C PRO A 170 -15.18 -13.32 -1.86
N TYR A 171 -14.46 -13.40 -0.75
CA TYR A 171 -14.42 -14.59 0.09
C TYR A 171 -13.71 -14.09 1.33
N VAL A 172 -13.95 -14.75 2.45
CA VAL A 172 -13.41 -14.32 3.73
C VAL A 172 -11.88 -14.27 3.80
N GLN A 173 -11.19 -15.04 2.95
CA GLN A 173 -9.72 -15.04 2.95
C GLN A 173 -9.11 -14.08 1.93
N TYR A 174 -9.95 -13.32 1.24
CA TYR A 174 -9.45 -12.42 0.23
C TYR A 174 -8.57 -11.34 0.85
N PHE A 175 -7.34 -11.17 0.34
CA PHE A 175 -6.42 -10.19 0.92
C PHE A 175 -5.83 -9.28 -0.17
N GLY A 176 -6.57 -9.07 -1.25
CA GLY A 176 -6.04 -8.23 -2.32
C GLY A 176 -6.50 -6.79 -2.34
N GLY A 177 -5.85 -6.04 -3.21
CA GLY A 177 -6.17 -4.64 -3.42
C GLY A 177 -5.24 -3.75 -2.61
N VAL A 178 -5.66 -3.50 -1.37
CA VAL A 178 -4.90 -2.63 -0.45
C VAL A 178 -4.83 -3.34 0.88
N SER A 179 -3.61 -3.50 1.42
CA SER A 179 -3.38 -4.16 2.70
C SER A 179 -2.27 -3.41 3.44
N ALA A 180 -2.12 -3.69 4.74
CA ALA A 180 -1.05 -3.06 5.52
C ALA A 180 -0.46 -4.08 6.48
N LEU A 181 0.87 -4.13 6.49
CA LEU A 181 1.54 -5.06 7.41
C LEU A 181 2.59 -4.27 8.12
N SER A 182 2.71 -4.49 9.43
CA SER A 182 3.76 -3.82 10.16
C SER A 182 5.09 -4.42 9.72
N LYS A 183 6.20 -3.75 10.02
CA LYS A 183 7.49 -4.31 9.70
C LYS A 183 7.64 -5.71 10.33
N GLN A 184 7.21 -5.86 11.58
CA GLN A 184 7.30 -7.16 12.27
C GLN A 184 6.49 -8.24 11.55
N GLN A 185 5.31 -7.84 11.12
CA GLN A 185 4.41 -8.78 10.43
C GLN A 185 4.96 -9.20 9.07
N PHE A 186 5.52 -8.25 8.35
CA PHE A 186 6.05 -8.56 7.03
C PHE A 186 7.30 -9.47 7.18
N LEU A 187 8.17 -9.15 8.11
CA LEU A 187 9.37 -9.96 8.28
C LEU A 187 9.10 -11.39 8.67
N THR A 188 8.12 -11.59 9.54
CA THR A 188 7.90 -12.94 10.03
C THR A 188 7.33 -13.89 8.99
N ILE A 189 6.78 -13.37 7.90
CA ILE A 189 6.30 -14.27 6.81
C ILE A 189 7.33 -14.30 5.68
N ASN A 190 8.51 -13.70 5.92
CA ASN A 190 9.58 -13.59 4.92
C ASN A 190 9.05 -12.83 3.70
N GLY A 191 8.26 -11.80 3.94
CA GLY A 191 7.73 -11.03 2.84
C GLY A 191 6.78 -11.81 1.95
N PHE A 192 6.69 -11.38 0.70
CA PHE A 192 5.79 -11.98 -0.29
C PHE A 192 6.54 -12.87 -1.28
N PRO A 193 5.83 -13.80 -1.94
CA PRO A 193 6.48 -14.70 -2.93
C PRO A 193 7.00 -13.88 -4.10
N ASN A 194 8.15 -14.28 -4.67
CA ASN A 194 8.72 -13.55 -5.81
C ASN A 194 8.46 -14.20 -7.19
N ASN A 195 7.81 -15.35 -7.19
CA ASN A 195 7.61 -16.07 -8.44
C ASN A 195 6.21 -16.13 -9.02
N TYR A 196 5.36 -15.17 -8.68
CA TYR A 196 4.02 -15.13 -9.25
C TYR A 196 4.08 -14.15 -10.43
N TRP A 197 4.39 -14.70 -11.60
CA TRP A 197 4.52 -13.95 -12.83
C TRP A 197 3.22 -13.96 -13.60
N GLY A 198 2.22 -13.26 -13.06
CA GLY A 198 0.92 -13.20 -13.71
C GLY A 198 0.05 -14.42 -13.44
N TRP A 199 0.59 -15.42 -12.74
CA TRP A 199 -0.17 -16.65 -12.45
C TRP A 199 -1.49 -16.44 -11.72
N GLY A 200 -1.56 -15.40 -10.88
CA GLY A 200 -2.76 -15.14 -10.10
C GLY A 200 -2.68 -15.87 -8.76
N GLY A 201 -3.27 -15.29 -7.71
CA GLY A 201 -3.24 -15.98 -6.43
C GLY A 201 -2.07 -15.63 -5.52
N GLU A 202 -1.27 -14.64 -5.91
CA GLU A 202 -0.16 -14.25 -5.04
C GLU A 202 -0.73 -13.71 -3.70
N ASP A 203 -1.91 -13.10 -3.72
CA ASP A 203 -2.51 -12.59 -2.47
C ASP A 203 -2.97 -13.72 -1.60
N ASP A 204 -3.41 -14.82 -2.20
CA ASP A 204 -3.83 -16.00 -1.43
C ASP A 204 -2.58 -16.65 -0.77
N ASP A 205 -1.45 -16.59 -1.45
CA ASP A 205 -0.23 -17.15 -0.89
C ASP A 205 0.14 -16.30 0.35
N ILE A 206 0.03 -14.98 0.22
CA ILE A 206 0.34 -14.07 1.33
C ILE A 206 -0.57 -14.42 2.51
N PHE A 207 -1.87 -14.53 2.24
CA PHE A 207 -2.80 -14.90 3.31
C PHE A 207 -2.34 -16.22 3.98
N ASN A 208 -2.00 -17.22 3.18
CA ASN A 208 -1.54 -18.48 3.76
C ASN A 208 -0.30 -18.28 4.65
N ARG A 209 0.62 -17.42 4.22
CA ARG A 209 1.82 -17.16 5.04
C ARG A 209 1.41 -16.58 6.38
N LEU A 210 0.50 -15.62 6.34
CA LEU A 210 0.07 -14.96 7.57
C LEU A 210 -0.55 -15.97 8.51
N VAL A 211 -1.42 -16.81 7.97
CA VAL A 211 -2.11 -17.81 8.77
C VAL A 211 -1.15 -18.85 9.34
N PHE A 212 -0.22 -19.28 8.52
CA PHE A 212 0.73 -20.25 9.01
C PHE A 212 1.55 -19.67 10.16
N ARG A 213 1.79 -18.36 10.16
CA ARG A 213 2.55 -17.76 11.27
C ARG A 213 1.64 -17.41 12.46
N GLY A 214 0.39 -17.82 12.39
CA GLY A 214 -0.54 -17.61 13.48
C GLY A 214 -1.24 -16.27 13.50
N MET A 215 -1.18 -15.51 12.39
CA MET A 215 -1.84 -14.23 12.35
C MET A 215 -3.23 -14.33 11.75
N SER A 216 -4.07 -13.35 12.02
CA SER A 216 -5.42 -13.34 11.46
C SER A 216 -5.54 -12.01 10.71
N ILE A 217 -6.71 -11.77 10.11
CA ILE A 217 -6.90 -10.53 9.33
C ILE A 217 -7.71 -9.47 10.09
N SER A 218 -7.17 -8.26 10.19
CA SER A 218 -7.89 -7.16 10.80
C SER A 218 -8.57 -6.42 9.63
N ARG A 219 -9.81 -5.97 9.85
CA ARG A 219 -10.53 -5.21 8.80
C ARG A 219 -11.34 -4.05 9.34
N PRO A 220 -11.41 -2.95 8.60
CA PRO A 220 -12.22 -1.82 9.10
C PRO A 220 -13.70 -2.23 8.95
N ASN A 221 -14.62 -1.52 9.60
CA ASN A 221 -16.05 -1.85 9.38
C ASN A 221 -16.31 -1.65 7.87
N ALA A 222 -17.06 -2.56 7.25
CA ALA A 222 -17.31 -2.46 5.83
C ALA A 222 -17.90 -1.15 5.34
N VAL A 223 -18.73 -0.50 6.16
CA VAL A 223 -19.34 0.76 5.74
C VAL A 223 -18.26 1.80 5.46
N VAL A 224 -17.17 1.81 6.22
CA VAL A 224 -16.16 2.81 5.92
C VAL A 224 -15.01 2.25 5.04
N GLY A 225 -15.06 0.95 4.78
CA GLY A 225 -14.04 0.28 3.98
C GLY A 225 -14.33 0.20 2.47
N THR A 226 -15.29 0.98 2.01
CA THR A 226 -15.66 1.00 0.58
C THR A 226 -14.58 1.67 -0.28
N THR A 227 -14.33 1.10 -1.44
CA THR A 227 -13.31 1.61 -2.34
C THR A 227 -13.79 1.56 -3.78
N ARG A 228 -13.31 2.52 -4.54
CA ARG A 228 -13.61 2.61 -5.97
C ARG A 228 -12.38 2.13 -6.76
N HIS A 229 -12.64 1.40 -7.84
CA HIS A 229 -11.61 0.89 -8.74
C HIS A 229 -11.70 1.70 -10.03
N ILE A 230 -10.56 2.17 -10.54
CA ILE A 230 -10.52 2.94 -11.78
C ILE A 230 -10.52 1.92 -12.92
N ARG A 231 -11.60 1.89 -13.68
CA ARG A 231 -11.76 0.96 -14.80
C ARG A 231 -10.63 1.13 -15.80
N HIS A 232 -10.18 0.02 -16.38
CA HIS A 232 -9.14 0.10 -17.39
C HIS A 232 -9.33 -1.01 -18.43
N SER A 233 -9.12 -0.66 -19.70
CA SER A 233 -9.28 -1.59 -20.83
C SER A 233 -9.90 -2.95 -20.47
N PRO A 240 -17.05 -10.91 -12.43
CA PRO A 240 -16.11 -12.06 -12.43
C PRO A 240 -15.40 -12.21 -11.07
N ASN A 241 -16.15 -11.99 -9.98
CA ASN A 241 -15.61 -12.10 -8.63
C ASN A 241 -14.51 -13.14 -8.49
N PRO A 242 -13.34 -12.73 -7.98
CA PRO A 242 -12.24 -13.68 -7.83
C PRO A 242 -12.62 -14.84 -6.93
N GLN A 243 -11.90 -15.95 -7.09
CA GLN A 243 -12.12 -17.15 -6.30
C GLN A 243 -10.79 -17.48 -5.64
N ARG A 244 -10.84 -18.21 -4.53
CA ARG A 244 -9.62 -18.55 -3.81
C ARG A 244 -8.80 -19.67 -4.44
N PHE A 245 -7.55 -19.35 -4.76
CA PHE A 245 -6.62 -20.34 -5.33
C PHE A 245 -6.12 -21.19 -4.18
N ASP A 246 -5.96 -22.49 -4.40
CA ASP A 246 -5.47 -23.39 -3.36
C ASP A 246 -4.01 -23.13 -2.94
N ARG A 247 -3.11 -24.03 -3.35
CA ARG A 247 -1.66 -23.94 -3.07
C ARG A 247 -1.23 -23.71 -1.62
N ILE A 248 -2.03 -24.16 -0.66
CA ILE A 248 -1.70 -23.99 0.75
C ILE A 248 -0.43 -24.76 1.12
N ALA A 249 -0.35 -26.01 0.69
CA ALA A 249 0.81 -26.85 0.99
C ALA A 249 2.05 -26.21 0.37
N HIS A 250 1.87 -25.68 -0.84
CA HIS A 250 2.93 -25.01 -1.57
C HIS A 250 3.52 -23.91 -0.72
N THR A 251 2.65 -23.03 -0.24
CA THR A 251 3.07 -21.91 0.59
C THR A 251 3.84 -22.41 1.80
N LYS A 252 3.35 -23.43 2.47
CA LYS A 252 4.07 -23.92 3.66
C LYS A 252 5.46 -24.44 3.26
N GLU A 253 5.51 -25.08 2.09
CA GLU A 253 6.72 -25.65 1.53
C GLU A 253 7.75 -24.58 1.15
N THR A 254 7.24 -23.51 0.54
CA THR A 254 8.13 -22.49 -0.01
C THR A 254 8.33 -21.14 0.65
N MET A 255 7.44 -20.75 1.56
CA MET A 255 7.56 -19.42 2.16
C MET A 255 8.88 -19.02 2.80
N LEU A 256 9.60 -19.95 3.46
CA LEU A 256 10.85 -19.50 4.07
C LEU A 256 12.00 -19.42 3.07
N SER A 257 11.87 -20.04 1.91
CA SER A 257 12.96 -19.96 0.96
C SER A 257 12.71 -19.03 -0.23
N ASP A 258 11.47 -18.55 -0.38
CA ASP A 258 11.12 -17.63 -1.48
C ASP A 258 10.44 -16.39 -0.85
N GLY A 259 11.10 -15.25 -0.88
CA GLY A 259 10.53 -14.05 -0.29
C GLY A 259 11.59 -12.97 -0.15
N LEU A 260 11.57 -12.29 0.98
CA LEU A 260 12.56 -11.24 1.19
C LEU A 260 13.98 -11.81 1.15
N ASN A 261 14.17 -12.98 1.75
CA ASN A 261 15.52 -13.51 1.79
C ASN A 261 16.11 -13.82 0.39
N SER A 262 15.27 -14.20 -0.57
CA SER A 262 15.76 -14.56 -1.89
C SER A 262 15.56 -13.48 -2.98
N LEU A 263 15.08 -12.32 -2.55
CA LEU A 263 14.79 -11.22 -3.44
C LEU A 263 16.01 -10.66 -4.15
N THR A 264 15.95 -10.57 -5.49
CA THR A 264 17.09 -9.94 -6.20
C THR A 264 16.50 -9.04 -7.26
N TYR A 265 17.16 -7.91 -7.51
CA TYR A 265 16.70 -6.96 -8.49
C TYR A 265 17.77 -5.88 -8.67
N GLN A 266 17.62 -5.09 -9.72
CA GLN A 266 18.57 -4.03 -9.98
C GLN A 266 17.82 -2.72 -10.02
N VAL A 267 18.29 -1.72 -9.29
CA VAL A 267 17.62 -0.43 -9.32
C VAL A 267 18.19 0.36 -10.50
N LEU A 268 17.37 0.67 -11.50
CA LEU A 268 17.84 1.41 -12.68
C LEU A 268 17.67 2.93 -12.62
N ASP A 269 16.69 3.39 -11.84
CA ASP A 269 16.45 4.82 -11.75
C ASP A 269 15.70 5.14 -10.45
N VAL A 270 16.04 6.24 -9.82
CA VAL A 270 15.32 6.69 -8.63
C VAL A 270 15.03 8.15 -8.89
N GLN A 271 13.73 8.49 -8.91
CA GLN A 271 13.27 9.84 -9.12
C GLN A 271 12.40 10.35 -7.96
N ARG A 272 12.79 11.47 -7.35
CA ARG A 272 11.94 12.02 -6.31
C ARG A 272 11.11 13.08 -7.02
N TYR A 273 9.79 12.95 -6.97
CA TYR A 273 8.91 13.98 -7.53
C TYR A 273 8.28 14.64 -6.33
N PRO A 274 7.69 15.83 -6.51
CA PRO A 274 7.08 16.48 -5.36
C PRO A 274 6.11 15.59 -4.57
N LEU A 275 5.37 14.74 -5.28
CA LEU A 275 4.34 13.92 -4.61
C LEU A 275 4.61 12.43 -4.42
N TYR A 276 5.76 11.94 -4.89
CA TYR A 276 6.11 10.54 -4.74
C TYR A 276 7.54 10.25 -5.17
N THR A 277 8.07 9.12 -4.72
CA THR A 277 9.39 8.70 -5.16
C THR A 277 9.10 7.53 -6.12
N GLN A 278 9.74 7.52 -7.29
CA GLN A 278 9.55 6.43 -8.23
C GLN A 278 10.88 5.69 -8.37
N ILE A 279 10.85 4.40 -8.08
CA ILE A 279 12.02 3.52 -8.16
C ILE A 279 11.74 2.55 -9.30
N THR A 280 12.56 2.65 -10.34
CA THR A 280 12.42 1.82 -11.56
C THR A 280 13.40 0.68 -11.37
N VAL A 281 12.88 -0.53 -11.39
CA VAL A 281 13.69 -1.69 -11.14
C VAL A 281 13.54 -2.78 -12.17
N ASP A 282 14.64 -3.50 -12.36
CA ASP A 282 14.64 -4.66 -13.24
C ASP A 282 14.51 -5.85 -12.27
N ILE A 283 13.36 -6.51 -12.30
CA ILE A 283 13.13 -7.65 -11.41
C ILE A 283 13.27 -8.97 -12.11
N GLY A 284 13.89 -8.94 -13.29
CA GLY A 284 14.15 -10.17 -14.03
C GLY A 284 12.96 -10.72 -14.76
N THR A 285 13.07 -11.98 -15.16
CA THR A 285 12.01 -12.65 -15.90
C THR A 285 11.76 -14.00 -15.27
N PRO A 286 10.58 -14.58 -15.53
CA PRO A 286 10.25 -15.88 -14.95
C PRO A 286 11.32 -16.94 -15.23
N SER A 287 11.79 -17.58 -14.16
CA SER A 287 12.80 -18.63 -14.25
C SER A 287 12.12 -19.99 -14.37
#